data_2BL0
#
_entry.id   2BL0
#
_cell.length_a   55.574
_cell.length_b   70.858
_cell.length_c   97.877
_cell.angle_alpha   90.00
_cell.angle_beta   90.00
_cell.angle_gamma   90.00
#
_symmetry.space_group_name_H-M   'P 21 21 21'
#
loop_
_entity.id
_entity.type
_entity.pdbx_description
1 polymer 'MAJOR PLASMODIAL MYOSIN HEAVY CHAIN'
2 polymer 'MYOSIN REGULATORY LIGHT CHAIN'
3 polymer 'MYOSIN REGULATORY LIGHT CHAIN'
4 non-polymer 'CALCIUM ION'
5 water water
#
loop_
_entity_poly.entity_id
_entity_poly.type
_entity_poly.pdbx_seq_one_letter_code
_entity_poly.pdbx_strand_id
1 'polypeptide(L)' RRIGEIVKVVQAAARGWVERKHFRQAREKSVSARIIQDNIRAYLEFKNWAWWKLFAKARPLLV A
2 'polypeptide(L)'
;TASADQIQECFQIFDKDNDGKVSIEELGSALRSLGKNPTNAELNTIKGQLNAKEFDLATFKTVYRKPIKTPTEQSKEMLD
AFRALDKEGNGTIQEAELRQLLLNLGDALTSSEVEELMKEVSVSGDGAINYESFVDMLVTGYPLA
;
B
3 'polypeptide(L)'
;GDDQVSEFKEAFELFDSERTGFITKEGLQTVLKQFGVRVEPAAFNEMFNEADATGNGKIQFPEFLSMMGRRMKQTTSEDI
LRQAFRTFDPEGTGYIPKAALQDALLNLGDRLKPHEFAEFLGITETEKGQIRYDNFINTMFT
;
C
#
loop_
_chem_comp.id
_chem_comp.type
_chem_comp.name
_chem_comp.formula
CA non-polymer 'CALCIUM ION' 'Ca 2'
#
# COMPACT_ATOMS: atom_id res chain seq x y z
N ARG A 1 -3.78 18.39 -37.92
CA ARG A 1 -2.76 18.30 -39.00
C ARG A 1 -1.39 18.00 -38.43
N ARG A 2 -0.49 18.96 -38.47
CA ARG A 2 0.76 18.87 -37.72
C ARG A 2 0.47 19.03 -36.22
N ILE A 3 -0.61 19.74 -35.88
CA ILE A 3 -1.04 19.94 -34.49
C ILE A 3 -1.49 18.62 -33.85
N GLY A 4 -2.28 17.84 -34.59
CA GLY A 4 -2.64 16.50 -34.16
C GLY A 4 -1.42 15.68 -33.78
N GLU A 5 -0.33 15.81 -34.53
CA GLU A 5 0.87 15.03 -34.24
C GLU A 5 1.62 15.55 -33.01
N ILE A 6 1.81 16.87 -32.89
CA ILE A 6 2.65 17.40 -31.82
C ILE A 6 2.01 17.25 -30.45
N VAL A 7 0.68 17.18 -30.38
CA VAL A 7 0.01 17.07 -29.07
C VAL A 7 -0.02 15.66 -28.53
N LYS A 8 0.25 14.67 -29.38
CA LYS A 8 0.26 13.28 -28.91
C LYS A 8 1.19 13.07 -27.71
N VAL A 9 2.34 13.73 -27.67
CA VAL A 9 3.23 13.55 -26.52
C VAL A 9 2.60 14.14 -25.25
N VAL A 10 1.92 15.28 -25.41
CA VAL A 10 1.20 15.90 -24.28
C VAL A 10 0.09 14.96 -23.84
N GLN A 11 -0.64 14.37 -24.77
CA GLN A 11 -1.68 13.38 -24.41
C GLN A 11 -1.13 12.16 -23.68
N ALA A 12 0.03 11.68 -24.12
CA ALA A 12 0.66 10.54 -23.48
C ALA A 12 1.06 10.91 -22.07
N ALA A 13 1.60 12.11 -21.88
CA ALA A 13 2.07 12.48 -20.56
C ALA A 13 0.89 12.79 -19.64
N ALA A 14 -0.20 13.27 -20.24
CA ALA A 14 -1.42 13.58 -19.50
C ALA A 14 -2.08 12.30 -18.98
N ARG A 15 -2.19 11.30 -19.83
CA ARG A 15 -2.67 9.99 -19.39
C ARG A 15 -1.81 9.45 -18.28
N GLY A 16 -0.50 9.61 -18.41
CA GLY A 16 0.41 9.14 -17.38
C GLY A 16 0.07 9.75 -16.04
N TRP A 17 -0.08 11.07 -15.99
CA TRP A 17 -0.39 11.76 -14.75
C TRP A 17 -1.73 11.29 -14.14
N VAL A 18 -2.75 11.14 -14.97
CA VAL A 18 -4.05 10.70 -14.48
C VAL A 18 -3.91 9.31 -13.85
N GLU A 19 -3.21 8.40 -14.51
CA GLU A 19 -3.05 7.05 -13.99
C GLU A 19 -2.20 7.01 -12.72
N ARG A 20 -1.16 7.85 -12.64
CA ARG A 20 -0.29 7.88 -11.47
C ARG A 20 -1.09 8.39 -10.29
N LYS A 21 -1.96 9.37 -10.55
CA LYS A 21 -2.87 9.90 -9.54
C LYS A 21 -3.81 8.83 -9.00
N HIS A 22 -4.45 8.12 -9.93
CA HIS A 22 -5.41 7.07 -9.57
C HIS A 22 -4.70 5.98 -8.80
N PHE A 23 -3.49 5.65 -9.25
CA PHE A 23 -2.72 4.57 -8.65
C PHE A 23 -2.27 4.92 -7.24
N ARG A 24 -1.91 6.18 -6.99
CA ARG A 24 -1.54 6.53 -5.62
C ARG A 24 -2.69 6.21 -4.68
N GLN A 25 -3.91 6.60 -5.06
CA GLN A 25 -5.10 6.34 -4.24
C GLN A 25 -5.32 4.85 -4.02
N ALA A 26 -5.28 4.09 -5.11
CA ALA A 26 -5.55 2.66 -5.06
C ALA A 26 -4.49 1.93 -4.25
N ARG A 27 -3.24 2.33 -4.40
CA ARG A 27 -2.12 1.73 -3.65
C ARG A 27 -2.22 2.06 -2.17
N GLU A 28 -2.58 3.30 -1.83
CA GLU A 28 -2.69 3.68 -0.43
C GLU A 28 -3.74 2.82 0.25
N LYS A 29 -4.88 2.64 -0.42
CA LYS A 29 -5.96 1.81 0.09
C LYS A 29 -5.52 0.36 0.24
N SER A 30 -4.82 -0.18 -0.76
CA SER A 30 -4.42 -1.60 -0.70
C SER A 30 -3.35 -1.86 0.36
N VAL A 31 -2.41 -0.92 0.51
CA VAL A 31 -1.33 -1.07 1.49
C VAL A 31 -1.92 -1.02 2.90
N SER A 32 -2.83 -0.10 3.12
CA SER A 32 -3.49 0.05 4.42
C SER A 32 -4.36 -1.15 4.77
N ALA A 33 -5.11 -1.64 3.79
CA ALA A 33 -5.93 -2.83 3.97
C ALA A 33 -5.04 -3.99 4.34
N ARG A 34 -3.90 -4.12 3.66
CA ARG A 34 -2.97 -5.19 3.98
C ARG A 34 -2.43 -5.16 5.41
N ILE A 35 -2.06 -3.98 5.89
CA ILE A 35 -1.60 -3.84 7.27
C ILE A 35 -2.68 -4.29 8.26
N ILE A 36 -3.92 -3.90 8.01
CA ILE A 36 -5.04 -4.27 8.88
C ILE A 36 -5.30 -5.77 8.86
N GLN A 37 -5.34 -6.34 7.66
CA GLN A 37 -5.52 -7.78 7.49
C GLN A 37 -4.44 -8.56 8.23
N ASP A 38 -3.19 -8.15 8.07
CA ASP A 38 -2.05 -8.87 8.62
C ASP A 38 -2.16 -8.85 10.15
N ASN A 39 -2.53 -7.69 10.69
CA ASN A 39 -2.69 -7.54 12.12
C ASN A 39 -3.87 -8.32 12.68
N ILE A 40 -5.01 -8.31 12.01
CA ILE A 40 -6.16 -9.11 12.43
C ILE A 40 -5.83 -10.60 12.41
N ARG A 41 -5.29 -11.06 11.28
CA ARG A 41 -5.03 -12.49 11.11
C ARG A 41 -4.07 -12.99 12.16
N ALA A 42 -3.05 -12.19 12.46
CA ALA A 42 -2.05 -12.56 13.46
C ALA A 42 -2.67 -12.64 14.85
N TYR A 43 -3.38 -11.58 15.23
CA TYR A 43 -4.05 -11.53 16.51
C TYR A 43 -5.00 -12.71 16.71
N LEU A 44 -5.81 -13.04 15.70
CA LEU A 44 -6.75 -14.14 15.86
C LEU A 44 -6.02 -15.47 16.04
N GLU A 45 -4.81 -15.56 15.49
CA GLU A 45 -3.96 -16.76 15.61
C GLU A 45 -3.26 -16.86 16.95
N PHE A 46 -2.92 -15.74 17.58
CA PHE A 46 -2.19 -15.82 18.83
C PHE A 46 -2.94 -15.32 20.09
N LYS A 47 -4.21 -14.93 19.98
CA LYS A 47 -4.87 -14.23 21.11
C LYS A 47 -4.97 -15.06 22.38
N ASN A 48 -4.92 -16.36 22.25
CA ASN A 48 -5.04 -17.23 23.40
C ASN A 48 -3.74 -17.95 23.70
N TRP A 49 -2.68 -17.51 23.04
CA TRP A 49 -1.34 -18.07 23.24
C TRP A 49 -0.73 -17.52 24.50
N ALA A 50 -0.22 -18.39 25.35
CA ALA A 50 0.31 -17.91 26.64
C ALA A 50 1.45 -16.91 26.50
N TRP A 51 2.30 -17.08 25.50
CA TRP A 51 3.42 -16.17 25.30
C TRP A 51 2.96 -14.79 24.88
N TRP A 52 1.88 -14.74 24.10
CA TRP A 52 1.22 -13.48 23.80
C TRP A 52 0.69 -12.79 25.04
N LYS A 53 0.01 -13.53 25.92
CA LYS A 53 -0.60 -12.93 27.09
C LYS A 53 0.48 -12.31 27.96
N LEU A 54 1.59 -13.03 28.10
CA LEU A 54 2.71 -12.54 28.86
C LEU A 54 3.33 -11.32 28.19
N PHE A 55 3.56 -11.39 26.89
CA PHE A 55 4.17 -10.28 26.15
C PHE A 55 3.30 -9.03 26.23
N ALA A 56 2.00 -9.21 26.13
CA ALA A 56 1.04 -8.12 26.17
C ALA A 56 1.05 -7.45 27.52
N LYS A 57 1.23 -8.24 28.58
CA LYS A 57 1.32 -7.71 29.94
C LYS A 57 2.62 -6.93 30.13
N ALA A 58 3.70 -7.39 29.51
CA ALA A 58 5.00 -6.73 29.64
C ALA A 58 5.10 -5.45 28.77
N ARG A 59 4.32 -5.38 27.70
CA ARG A 59 4.51 -4.34 26.68
C ARG A 59 4.51 -2.90 27.23
N PRO A 60 3.59 -2.55 28.12
CA PRO A 60 3.55 -1.21 28.71
C PRO A 60 4.79 -0.85 29.52
N LEU A 61 5.58 -1.84 29.92
CA LEU A 61 6.82 -1.61 30.68
C LEU A 61 8.02 -1.35 29.76
N LEU A 62 7.85 -1.52 28.45
CA LEU A 62 8.95 -1.45 27.51
C LEU A 62 9.12 -0.03 26.95
N VAL A 63 10.36 0.33 26.67
CA VAL A 63 10.70 1.64 26.15
C VAL A 63 10.27 1.73 24.69
N THR B 1 12.99 4.38 -11.25
CA THR B 1 12.31 3.32 -12.02
C THR B 1 11.75 2.24 -11.09
N ALA B 2 10.56 1.72 -11.37
CA ALA B 2 9.92 0.77 -10.46
C ALA B 2 10.77 -0.48 -10.22
N SER B 3 11.00 -0.81 -8.95
CA SER B 3 11.61 -2.08 -8.56
C SER B 3 10.71 -3.26 -8.91
N ALA B 4 11.26 -4.46 -8.78
CA ALA B 4 10.50 -5.69 -8.99
C ALA B 4 9.33 -5.79 -8.02
N ASP B 5 9.55 -5.38 -6.77
CA ASP B 5 8.50 -5.45 -5.76
C ASP B 5 7.40 -4.48 -6.10
N GLN B 6 7.76 -3.30 -6.61
CA GLN B 6 6.77 -2.30 -6.98
C GLN B 6 5.99 -2.74 -8.20
N ILE B 7 6.65 -3.41 -9.15
CA ILE B 7 5.96 -3.93 -10.33
C ILE B 7 4.96 -5.02 -9.91
N GLN B 8 5.38 -5.94 -9.04
CA GLN B 8 4.47 -6.97 -8.55
C GLN B 8 3.26 -6.38 -7.82
N GLU B 9 3.51 -5.39 -6.97
CA GLU B 9 2.48 -4.75 -6.18
C GLU B 9 1.44 -4.12 -7.09
N CYS B 10 1.93 -3.40 -8.10
CA CYS B 10 1.06 -2.78 -9.06
C CYS B 10 0.22 -3.81 -9.78
N PHE B 11 0.83 -4.88 -10.27
CA PHE B 11 0.11 -5.92 -10.97
C PHE B 11 -1.00 -6.50 -10.10
N GLN B 12 -0.68 -6.79 -8.84
CA GLN B 12 -1.63 -7.38 -7.92
C GLN B 12 -2.83 -6.45 -7.68
N ILE B 13 -2.58 -5.14 -7.69
CA ILE B 13 -3.66 -4.17 -7.51
C ILE B 13 -4.62 -4.20 -8.70
N PHE B 14 -4.08 -4.32 -9.92
CA PHE B 14 -4.88 -4.44 -11.12
C PHE B 14 -5.59 -5.80 -11.22
N ASP B 15 -4.99 -6.84 -10.65
CA ASP B 15 -5.54 -8.20 -10.73
C ASP B 15 -6.51 -8.37 -9.57
N LYS B 16 -7.68 -7.75 -9.71
CA LYS B 16 -8.63 -7.67 -8.60
C LYS B 16 -9.16 -9.04 -8.16
N ASP B 17 -9.28 -9.98 -9.10
CA ASP B 17 -9.81 -11.32 -8.82
C ASP B 17 -8.71 -12.38 -8.54
N ASN B 18 -7.45 -11.94 -8.53
CA ASN B 18 -6.33 -12.76 -8.05
C ASN B 18 -6.10 -14.05 -8.85
N ASP B 19 -6.34 -14.00 -10.16
CA ASP B 19 -6.13 -15.18 -10.99
C ASP B 19 -4.80 -15.14 -11.76
N GLY B 20 -3.99 -14.12 -11.51
CA GLY B 20 -2.70 -13.98 -12.17
C GLY B 20 -2.73 -13.36 -13.54
N LYS B 21 -3.90 -12.87 -13.96
CA LYS B 21 -4.08 -12.26 -15.28
C LYS B 21 -4.73 -10.89 -15.20
N VAL B 22 -4.30 -9.98 -16.06
CA VAL B 22 -4.88 -8.65 -16.14
C VAL B 22 -5.25 -8.42 -17.60
N SER B 23 -6.42 -7.83 -17.84
CA SER B 23 -6.91 -7.58 -19.20
C SER B 23 -5.91 -6.74 -19.95
N ILE B 24 -5.74 -7.04 -21.23
CA ILE B 24 -4.87 -6.25 -22.10
C ILE B 24 -5.32 -4.80 -22.20
N GLU B 25 -6.62 -4.54 -21.99
CA GLU B 25 -7.15 -3.18 -22.02
C GLU B 25 -6.67 -2.32 -20.87
N GLU B 26 -6.11 -2.97 -19.85
CA GLU B 26 -5.49 -2.25 -18.75
C GLU B 26 -3.97 -2.14 -18.79
N LEU B 27 -3.32 -2.66 -19.81
CA LEU B 27 -1.86 -2.61 -19.89
C LEU B 27 -1.36 -1.19 -19.88
N GLY B 28 -1.96 -0.31 -20.69
CA GLY B 28 -1.56 1.08 -20.69
C GLY B 28 -1.65 1.70 -19.31
N SER B 29 -2.79 1.52 -18.64
CA SER B 29 -3.01 2.06 -17.30
C SER B 29 -1.99 1.58 -16.30
N ALA B 30 -1.66 0.30 -16.37
CA ALA B 30 -0.69 -0.32 -15.47
C ALA B 30 0.73 0.22 -15.71
N LEU B 31 1.14 0.33 -16.98
CA LEU B 31 2.45 0.92 -17.32
C LEU B 31 2.53 2.37 -16.84
N ARG B 32 1.48 3.12 -17.13
CA ARG B 32 1.40 4.52 -16.74
C ARG B 32 1.43 4.71 -15.22
N SER B 33 0.81 3.77 -14.49
CA SER B 33 0.77 3.81 -13.04
C SER B 33 2.17 3.83 -12.44
N LEU B 34 3.10 3.18 -13.13
CA LEU B 34 4.50 3.04 -12.71
C LEU B 34 5.49 3.98 -13.43
N GLY B 35 4.98 5.02 -14.08
CA GLY B 35 5.81 6.08 -14.59
C GLY B 35 6.42 5.91 -15.97
N LYS B 36 5.80 5.10 -16.80
CA LYS B 36 6.15 5.05 -18.21
C LYS B 36 4.92 5.38 -19.07
N ASN B 37 5.13 6.21 -20.08
CA ASN B 37 4.06 6.89 -20.83
C ASN B 37 4.08 6.55 -22.33
N PRO B 38 3.55 5.39 -22.71
CA PRO B 38 3.45 5.06 -24.13
C PRO B 38 2.42 5.94 -24.81
N THR B 39 2.68 6.29 -26.06
CA THR B 39 1.66 6.89 -26.89
C THR B 39 0.70 5.79 -27.29
N ASN B 40 -0.44 6.16 -27.87
CA ASN B 40 -1.41 5.18 -28.34
C ASN B 40 -0.80 4.25 -29.36
N ALA B 41 0.02 4.82 -30.27
CA ALA B 41 0.72 4.07 -31.33
C ALA B 41 1.64 3.02 -30.74
N GLU B 42 2.45 3.45 -29.77
CA GLU B 42 3.41 2.58 -29.14
C GLU B 42 2.70 1.46 -28.40
N LEU B 43 1.65 1.82 -27.67
CA LEU B 43 0.90 0.83 -26.91
C LEU B 43 0.25 -0.15 -27.85
N ASN B 44 -0.26 0.33 -28.97
CA ASN B 44 -0.87 -0.57 -29.95
C ASN B 44 0.09 -1.57 -30.54
N THR B 45 1.32 -1.14 -30.79
CA THR B 45 2.35 -2.07 -31.28
C THR B 45 2.65 -3.14 -30.24
N ILE B 46 2.77 -2.71 -28.97
CA ILE B 46 3.02 -3.64 -27.89
C ILE B 46 1.88 -4.64 -27.75
N LYS B 47 0.66 -4.14 -27.69
CA LYS B 47 -0.52 -5.03 -27.62
C LYS B 47 -0.57 -6.03 -28.79
N GLY B 48 -0.25 -5.58 -29.99
CA GLY B 48 -0.32 -6.43 -31.16
C GLY B 48 0.71 -7.54 -31.04
N GLN B 49 1.90 -7.19 -30.51
CA GLN B 49 2.96 -8.18 -30.34
C GLN B 49 2.57 -9.23 -29.32
N LEU B 50 1.87 -8.83 -28.26
CA LEU B 50 1.42 -9.77 -27.26
C LEU B 50 0.36 -10.73 -27.82
N ASN B 51 -0.45 -10.27 -28.78
CA ASN B 51 -1.46 -11.13 -29.42
C ASN B 51 -2.24 -11.92 -28.38
N ALA B 52 -2.72 -11.19 -27.38
CA ALA B 52 -3.44 -11.81 -26.25
C ALA B 52 -4.50 -10.86 -25.71
N LYS B 53 -5.51 -11.41 -25.06
CA LYS B 53 -6.54 -10.56 -24.46
C LYS B 53 -6.21 -10.24 -23.00
N GLU B 54 -5.21 -10.92 -22.43
CA GLU B 54 -4.73 -10.66 -21.06
C GLU B 54 -3.23 -10.89 -20.95
N PHE B 55 -2.64 -10.42 -19.86
CA PHE B 55 -1.21 -10.61 -19.61
C PHE B 55 -0.95 -10.98 -18.15
N ASP B 56 0.15 -11.69 -17.93
CA ASP B 56 0.58 -12.08 -16.58
C ASP B 56 1.74 -11.21 -16.08
N LEU B 57 2.19 -11.48 -14.87
CA LEU B 57 3.19 -10.64 -14.23
C LEU B 57 4.51 -10.66 -14.97
N ALA B 58 4.94 -11.84 -15.41
CA ALA B 58 6.21 -11.99 -16.13
C ALA B 58 6.21 -11.12 -17.36
N THR B 59 5.10 -11.12 -18.08
CA THR B 59 4.91 -10.29 -19.25
C THR B 59 4.94 -8.79 -18.91
N PHE B 60 4.21 -8.42 -17.87
CA PHE B 60 4.15 -7.04 -17.44
C PHE B 60 5.56 -6.54 -17.14
N LYS B 61 6.35 -7.35 -16.44
CA LYS B 61 7.74 -6.97 -16.12
C LYS B 61 8.56 -6.73 -17.37
N THR B 62 8.45 -7.65 -18.31
CA THR B 62 9.18 -7.62 -19.56
C THR B 62 8.82 -6.37 -20.37
N VAL B 63 7.52 -6.10 -20.49
CA VAL B 63 7.04 -4.94 -21.23
C VAL B 63 7.49 -3.64 -20.56
N TYR B 64 7.34 -3.59 -19.23
CA TYR B 64 7.64 -2.39 -18.47
C TYR B 64 9.12 -2.05 -18.51
N ARG B 65 9.97 -3.06 -18.56
CA ARG B 65 11.42 -2.82 -18.50
C ARG B 65 12.02 -2.29 -19.82
N LYS B 66 11.22 -2.29 -20.87
CA LYS B 66 11.61 -1.69 -22.14
C LYS B 66 11.69 -0.16 -22.00
N PRO B 67 12.40 0.48 -22.93
CA PRO B 67 12.68 1.92 -22.86
C PRO B 67 11.52 2.84 -23.22
N ILE B 68 10.32 2.50 -22.78
CA ILE B 68 9.18 3.37 -22.94
C ILE B 68 9.51 4.67 -22.19
N LYS B 69 9.18 5.81 -22.80
CA LYS B 69 9.54 7.10 -22.21
C LYS B 69 8.94 7.35 -20.84
N THR B 70 9.78 7.83 -19.92
CA THR B 70 9.33 8.39 -18.65
C THR B 70 8.89 9.85 -18.86
N PRO B 71 8.20 10.43 -17.90
CA PRO B 71 7.75 11.82 -18.06
C PRO B 71 8.87 12.84 -18.32
N THR B 72 10.03 12.75 -17.65
CA THR B 72 11.10 13.72 -17.94
C THR B 72 11.61 13.59 -19.38
N GLU B 73 11.57 12.40 -19.95
CA GLU B 73 11.99 12.19 -21.32
C GLU B 73 11.04 12.86 -22.31
N GLN B 74 9.87 13.30 -21.83
CA GLN B 74 8.89 14.00 -22.67
C GLN B 74 8.87 15.52 -22.52
N SER B 75 9.63 16.05 -21.57
CA SER B 75 9.59 17.50 -21.27
C SER B 75 9.92 18.37 -22.46
N LYS B 76 11.00 18.03 -23.15
CA LYS B 76 11.47 18.82 -24.28
C LYS B 76 10.41 18.84 -25.37
N GLU B 77 9.91 17.68 -25.74
CA GLU B 77 8.91 17.63 -26.80
C GLU B 77 7.64 18.37 -26.41
N MET B 78 7.25 18.28 -25.14
CA MET B 78 6.06 19.01 -24.68
C MET B 78 6.25 20.52 -24.72
N LEU B 79 7.39 20.98 -24.27
CA LEU B 79 7.62 22.42 -24.25
C LEU B 79 7.74 22.99 -25.66
N ASP B 80 8.38 22.24 -26.56
CA ASP B 80 8.44 22.58 -27.98
C ASP B 80 7.03 22.68 -28.59
N ALA B 81 6.19 21.71 -28.25
CA ALA B 81 4.80 21.69 -28.71
C ALA B 81 4.08 22.94 -28.23
N PHE B 82 4.16 23.24 -26.93
CA PHE B 82 3.43 24.38 -26.39
C PHE B 82 3.98 25.70 -26.90
N ARG B 83 5.29 25.79 -27.09
CA ARG B 83 5.89 27.00 -27.64
C ARG B 83 5.34 27.29 -29.05
N ALA B 84 5.13 26.23 -29.81
CA ALA B 84 4.61 26.34 -31.17
C ALA B 84 3.15 26.78 -31.19
N LEU B 85 2.46 26.57 -30.08
CA LEU B 85 1.07 26.99 -29.88
C LEU B 85 0.95 28.35 -29.17
N ASP B 86 2.07 28.90 -28.72
CA ASP B 86 2.09 30.12 -27.91
C ASP B 86 2.04 31.37 -28.80
N LYS B 87 0.85 31.96 -28.95
CA LYS B 87 0.64 33.10 -29.84
C LYS B 87 1.27 34.42 -29.38
N GLU B 88 1.32 34.63 -28.07
CA GLU B 88 1.73 35.93 -27.52
C GLU B 88 3.20 35.98 -27.11
N GLY B 89 3.84 34.82 -27.04
CA GLY B 89 5.21 34.71 -26.53
C GLY B 89 5.34 35.00 -25.04
N ASN B 90 4.26 34.77 -24.28
CA ASN B 90 4.25 35.06 -22.84
C ASN B 90 4.19 33.81 -21.95
N GLY B 91 4.37 32.63 -22.54
CA GLY B 91 4.39 31.38 -21.81
C GLY B 91 3.02 30.85 -21.46
N THR B 92 1.97 31.38 -22.11
CA THR B 92 0.61 30.95 -21.82
C THR B 92 -0.08 30.37 -23.07
N ILE B 93 -1.11 29.60 -22.80
CA ILE B 93 -2.08 29.17 -23.78
C ILE B 93 -3.46 29.33 -23.12
N GLN B 94 -4.49 29.58 -23.91
CA GLN B 94 -5.84 29.64 -23.36
C GLN B 94 -6.28 28.24 -22.95
N GLU B 95 -6.82 28.09 -21.74
CA GLU B 95 -7.31 26.77 -21.33
C GLU B 95 -8.31 26.22 -22.33
N ALA B 96 -9.14 27.07 -22.92
CA ALA B 96 -10.12 26.59 -23.90
C ALA B 96 -9.45 25.92 -25.09
N GLU B 97 -8.35 26.47 -25.56
CA GLU B 97 -7.66 25.85 -26.69
C GLU B 97 -7.05 24.52 -26.29
N LEU B 98 -6.38 24.50 -25.14
CA LEU B 98 -5.83 23.26 -24.54
C LEU B 98 -6.87 22.16 -24.45
N ARG B 99 -8.04 22.47 -23.90
CA ARG B 99 -9.11 21.48 -23.81
C ARG B 99 -9.47 20.91 -25.18
N GLN B 100 -9.58 21.80 -26.17
CA GLN B 100 -9.97 21.41 -27.52
C GLN B 100 -8.96 20.47 -28.17
N LEU B 101 -7.69 20.75 -27.95
CA LEU B 101 -6.62 19.98 -28.58
C LEU B 101 -6.58 18.58 -27.99
N LEU B 102 -6.56 18.52 -26.65
CA LEU B 102 -6.62 17.27 -25.89
C LEU B 102 -7.80 16.38 -26.27
N LEU B 103 -8.96 17.00 -26.53
CA LEU B 103 -10.20 16.26 -26.74
C LEU B 103 -10.49 15.90 -28.18
N ASN B 104 -10.08 16.74 -29.13
CA ASN B 104 -10.55 16.61 -30.51
C ASN B 104 -9.50 16.19 -31.54
N LEU B 105 -8.23 16.23 -31.16
CA LEU B 105 -7.15 15.90 -32.06
C LEU B 105 -6.26 14.81 -31.48
N GLY B 106 -5.47 14.21 -32.36
CA GLY B 106 -4.46 13.25 -31.96
C GLY B 106 -5.04 12.07 -31.21
N ASP B 107 -4.32 11.66 -30.16
CA ASP B 107 -4.70 10.57 -29.29
C ASP B 107 -5.65 11.09 -28.22
N ALA B 108 -6.84 11.47 -28.68
CA ALA B 108 -7.80 12.22 -27.89
C ALA B 108 -8.08 11.61 -26.51
N LEU B 109 -8.05 12.46 -25.49
CA LEU B 109 -8.40 12.06 -24.13
C LEU B 109 -9.92 12.05 -23.94
N THR B 110 -10.38 11.38 -22.88
CA THR B 110 -11.79 11.41 -22.52
C THR B 110 -12.08 12.69 -21.74
N SER B 111 -13.34 13.10 -21.76
CA SER B 111 -13.82 14.23 -20.96
C SER B 111 -13.46 14.11 -19.48
N SER B 112 -13.58 12.90 -18.93
CA SER B 112 -13.31 12.67 -17.52
C SER B 112 -11.84 12.90 -17.23
N GLU B 113 -10.98 12.44 -18.13
CA GLU B 113 -9.54 12.64 -18.02
C GLU B 113 -9.20 14.12 -18.04
N VAL B 114 -9.78 14.84 -19.00
CA VAL B 114 -9.53 16.28 -19.13
C VAL B 114 -10.01 17.05 -17.89
N GLU B 115 -11.15 16.70 -17.30
CA GLU B 115 -11.61 17.40 -16.10
C GLU B 115 -10.69 17.16 -14.89
N GLU B 116 -10.12 15.96 -14.80
CA GLU B 116 -9.23 15.67 -13.68
C GLU B 116 -7.93 16.46 -13.81
N LEU B 117 -7.45 16.55 -15.04
CA LEU B 117 -6.25 17.35 -15.37
C LEU B 117 -6.45 18.83 -15.08
N MET B 118 -7.60 19.35 -15.45
CA MET B 118 -7.84 20.80 -15.37
C MET B 118 -8.22 21.24 -13.96
N LYS B 119 -8.62 20.29 -13.11
CA LYS B 119 -8.94 20.63 -11.73
C LYS B 119 -7.73 21.21 -10.98
N GLU B 120 -6.52 20.87 -11.42
CA GLU B 120 -5.29 21.22 -10.69
C GLU B 120 -4.57 22.39 -11.37
N VAL B 121 -5.28 23.04 -12.31
CA VAL B 121 -4.68 24.04 -13.19
C VAL B 121 -5.25 25.44 -12.97
N SER B 122 -4.35 26.36 -12.63
CA SER B 122 -4.70 27.74 -12.35
C SER B 122 -5.01 28.50 -13.64
N VAL B 123 -6.19 29.09 -13.73
CA VAL B 123 -6.60 29.87 -14.90
C VAL B 123 -6.72 31.35 -14.53
N SER B 124 -6.14 32.22 -15.36
CA SER B 124 -6.16 33.66 -15.10
C SER B 124 -7.53 34.24 -15.40
N GLY B 125 -7.68 35.54 -15.15
CA GLY B 125 -8.89 36.25 -15.48
C GLY B 125 -9.13 36.49 -16.96
N ASP B 126 -8.17 36.14 -17.81
CA ASP B 126 -8.38 36.18 -19.25
C ASP B 126 -8.38 34.77 -19.83
N GLY B 127 -8.48 33.77 -18.96
CA GLY B 127 -8.61 32.39 -19.38
C GLY B 127 -7.31 31.72 -19.78
N ALA B 128 -6.18 32.31 -19.37
CA ALA B 128 -4.85 31.83 -19.75
C ALA B 128 -4.28 30.88 -18.69
N ILE B 129 -3.50 29.91 -19.14
CA ILE B 129 -2.77 29.02 -18.25
C ILE B 129 -1.31 29.04 -18.62
N ASN B 130 -0.45 28.84 -17.63
CA ASN B 130 0.99 28.81 -17.88
C ASN B 130 1.35 27.39 -18.23
N TYR B 131 1.76 27.18 -19.48
CA TYR B 131 1.93 25.82 -19.98
C TYR B 131 3.17 25.15 -19.42
N GLU B 132 4.25 25.88 -19.11
CA GLU B 132 5.38 25.23 -18.43
C GLU B 132 4.98 24.67 -17.05
N SER B 133 4.12 25.37 -16.33
CA SER B 133 3.61 24.87 -15.05
C SER B 133 2.79 23.60 -15.28
N PHE B 134 2.06 23.55 -16.40
CA PHE B 134 1.27 22.39 -16.75
C PHE B 134 2.18 21.21 -17.07
N VAL B 135 3.21 21.45 -17.87
CA VAL B 135 4.22 20.44 -18.19
C VAL B 135 4.87 19.98 -16.89
N ASP B 136 5.22 20.92 -16.02
CA ASP B 136 5.85 20.55 -14.76
C ASP B 136 4.95 19.63 -13.92
N MET B 137 3.66 19.94 -13.88
CA MET B 137 2.69 19.10 -13.19
C MET B 137 2.68 17.69 -13.81
N LEU B 138 2.67 17.60 -15.14
CA LEU B 138 2.67 16.30 -15.79
C LEU B 138 3.92 15.45 -15.55
N VAL B 139 5.06 16.11 -15.41
CA VAL B 139 6.33 15.43 -15.28
C VAL B 139 6.63 15.07 -13.82
N THR B 140 6.34 15.98 -12.90
CA THR B 140 6.75 15.84 -11.49
C THR B 140 5.64 15.37 -10.55
N GLY B 141 4.39 15.46 -11.00
CA GLY B 141 3.24 15.13 -10.17
C GLY B 141 3.16 13.64 -9.88
N TYR B 142 2.63 13.31 -8.70
CA TYR B 142 2.40 11.92 -8.29
C TYR B 142 3.55 10.98 -8.64
N PRO B 143 4.74 11.25 -8.10
CA PRO B 143 5.89 10.38 -8.34
C PRO B 143 5.77 9.01 -7.66
N LEU B 144 6.67 8.10 -8.02
CA LEU B 144 6.70 6.74 -7.46
C LEU B 144 6.86 6.76 -5.96
N ALA B 145 6.01 6.02 -5.26
CA ALA B 145 6.11 5.86 -3.80
C ALA B 145 7.52 5.48 -3.36
N GLY C 1 18.67 -3.74 13.57
CA GLY C 1 18.01 -3.19 12.35
C GLY C 1 16.54 -3.60 12.24
N ASP C 2 15.75 -3.30 13.27
CA ASP C 2 14.30 -3.62 13.31
C ASP C 2 13.67 -3.37 14.70
N ASP C 3 12.51 -2.70 14.68
CA ASP C 3 11.80 -2.32 15.91
C ASP C 3 11.12 -3.49 16.64
N GLN C 4 10.64 -4.47 15.87
CA GLN C 4 10.07 -5.70 16.43
C GLN C 4 11.10 -6.43 17.29
N VAL C 5 12.29 -6.61 16.74
CA VAL C 5 13.37 -7.31 17.42
C VAL C 5 13.74 -6.61 18.72
N SER C 6 13.85 -5.28 18.68
CA SER C 6 14.22 -4.55 19.90
C SER C 6 13.17 -4.70 20.98
N GLU C 7 11.91 -4.71 20.58
CA GLU C 7 10.82 -4.90 21.51
C GLU C 7 10.85 -6.32 22.10
N PHE C 8 11.11 -7.31 21.26
CA PHE C 8 11.20 -8.67 21.79
C PHE C 8 12.39 -8.82 22.72
N LYS C 9 13.48 -8.12 22.42
CA LYS C 9 14.66 -8.18 23.27
C LYS C 9 14.37 -7.52 24.62
N GLU C 10 13.67 -6.37 24.59
CA GLU C 10 13.30 -5.68 25.81
C GLU C 10 12.41 -6.58 26.70
N ALA C 11 11.48 -7.29 26.09
CA ALA C 11 10.60 -8.19 26.81
C ALA C 11 11.39 -9.33 27.42
N PHE C 12 12.27 -9.93 26.62
CA PHE C 12 13.10 -11.03 27.11
C PHE C 12 13.91 -10.56 28.34
N GLU C 13 14.46 -9.36 28.24
CA GLU C 13 15.25 -8.79 29.33
C GLU C 13 14.40 -8.67 30.61
N LEU C 14 13.15 -8.27 30.47
CA LEU C 14 12.25 -8.17 31.64
C LEU C 14 12.00 -9.54 32.21
N PHE C 15 11.89 -10.55 31.34
CA PHE C 15 11.68 -11.93 31.77
C PHE C 15 12.96 -12.58 32.34
N ASP C 16 14.10 -11.91 32.16
CA ASP C 16 15.41 -12.39 32.62
C ASP C 16 15.79 -11.54 33.85
N SER C 17 14.91 -11.50 34.83
CA SER C 17 15.12 -10.61 35.98
C SER C 17 16.16 -11.15 36.97
N GLU C 18 16.64 -12.38 36.74
CA GLU C 18 17.87 -12.86 37.40
C GLU C 18 19.17 -12.53 36.65
N ARG C 19 19.07 -12.03 35.42
CA ARG C 19 20.24 -11.54 34.65
C ARG C 19 21.23 -12.63 34.28
N THR C 20 20.72 -13.80 33.91
CA THR C 20 21.58 -14.92 33.51
C THR C 20 21.75 -15.06 32.01
N GLY C 21 20.90 -14.41 31.23
CA GLY C 21 20.90 -14.52 29.79
C GLY C 21 20.02 -15.63 29.26
N PHE C 22 19.28 -16.32 30.13
CA PHE C 22 18.38 -17.39 29.69
C PHE C 22 17.26 -17.64 30.69
N ILE C 23 16.18 -18.28 30.23
CA ILE C 23 15.00 -18.56 31.04
C ILE C 23 14.87 -20.05 31.22
N THR C 24 14.91 -20.47 32.48
CA THR C 24 14.70 -21.85 32.84
C THR C 24 13.24 -22.11 33.12
N LYS C 25 12.85 -23.38 33.28
CA LYS C 25 11.48 -23.71 33.66
C LYS C 25 11.13 -23.06 34.98
N GLU C 26 12.03 -23.19 35.95
CA GLU C 26 11.95 -22.51 37.26
C GLU C 26 11.72 -21.00 37.10
N GLY C 27 12.52 -20.36 36.25
CA GLY C 27 12.39 -18.94 36.02
C GLY C 27 11.09 -18.57 35.33
N LEU C 28 10.65 -19.40 34.37
CA LEU C 28 9.41 -19.08 33.65
C LEU C 28 8.21 -19.15 34.59
N GLN C 29 8.22 -20.12 35.50
CA GLN C 29 7.18 -20.19 36.54
C GLN C 29 7.10 -18.89 37.33
N THR C 30 8.26 -18.35 37.71
CA THR C 30 8.30 -17.09 38.46
C THR C 30 7.81 -15.93 37.62
N VAL C 31 8.20 -15.89 36.35
CA VAL C 31 7.76 -14.84 35.44
C VAL C 31 6.22 -14.84 35.29
N LEU C 32 5.63 -16.01 35.11
CA LEU C 32 4.19 -16.10 34.97
C LEU C 32 3.48 -15.61 36.23
N LYS C 33 4.04 -15.91 37.39
CA LYS C 33 3.46 -15.42 38.65
C LYS C 33 3.59 -13.92 38.77
N GLN C 34 4.75 -13.39 38.37
CA GLN C 34 5.00 -11.95 38.44
C GLN C 34 3.94 -11.20 37.65
N PHE C 35 3.69 -11.65 36.42
CA PHE C 35 2.81 -10.91 35.51
C PHE C 35 1.33 -11.37 35.59
N GLY C 36 1.04 -12.34 36.43
CA GLY C 36 -0.33 -12.81 36.62
C GLY C 36 -0.96 -13.53 35.43
N VAL C 37 -0.15 -14.28 34.69
CA VAL C 37 -0.63 -15.12 33.60
C VAL C 37 -0.72 -16.54 34.11
N ARG C 38 -1.94 -17.10 34.04
CA ARG C 38 -2.21 -18.45 34.50
C ARG C 38 -2.13 -19.44 33.36
N VAL C 39 -1.37 -20.51 33.59
CA VAL C 39 -1.20 -21.56 32.61
C VAL C 39 -1.30 -22.91 33.31
N GLU C 40 -2.13 -23.81 32.78
CA GLU C 40 -2.26 -25.16 33.35
C GLU C 40 -0.97 -25.93 33.08
N PRO C 41 -0.70 -26.99 33.83
CA PRO C 41 0.55 -27.76 33.67
C PRO C 41 0.88 -28.16 32.23
N ALA C 42 -0.07 -28.73 31.49
CA ALA C 42 0.19 -29.18 30.11
C ALA C 42 0.54 -28.00 29.21
N ALA C 43 -0.21 -26.92 29.35
CA ALA C 43 0.08 -25.71 28.57
C ALA C 43 1.42 -25.08 28.95
N PHE C 44 1.84 -25.20 30.21
CA PHE C 44 3.16 -24.68 30.62
C PHE C 44 4.29 -25.44 29.96
N ASN C 45 4.24 -26.77 30.02
CA ASN C 45 5.28 -27.55 29.38
C ASN C 45 5.31 -27.29 27.89
N GLU C 46 4.13 -27.14 27.28
CA GLU C 46 4.02 -26.84 25.84
C GLU C 46 4.68 -25.50 25.52
N MET C 47 4.40 -24.48 26.32
CA MET C 47 4.92 -23.14 26.03
C MET C 47 6.44 -23.12 26.24
N PHE C 48 6.92 -23.84 27.26
CA PHE C 48 8.36 -23.84 27.52
C PHE C 48 9.10 -24.54 26.37
N ASN C 49 8.56 -25.67 25.96
CA ASN C 49 9.16 -26.47 24.90
C ASN C 49 9.08 -25.74 23.57
N GLU C 50 8.03 -24.96 23.34
CA GLU C 50 7.91 -24.15 22.10
C GLU C 50 9.10 -23.20 22.02
N ALA C 51 9.43 -22.59 23.15
CA ALA C 51 10.45 -21.55 23.21
C ALA C 51 11.85 -22.14 23.22
N ASP C 52 12.01 -23.25 23.93
CA ASP C 52 13.30 -23.92 24.08
C ASP C 52 13.51 -24.91 22.92
N ALA C 53 13.81 -24.37 21.75
CA ALA C 53 13.93 -25.17 20.54
C ALA C 53 15.04 -26.20 20.63
N THR C 54 16.13 -25.87 21.31
CA THR C 54 17.25 -26.81 21.43
C THR C 54 16.98 -27.90 22.46
N GLY C 55 15.95 -27.73 23.27
CA GLY C 55 15.52 -28.77 24.19
C GLY C 55 16.48 -29.00 25.35
N ASN C 56 17.27 -27.97 25.70
CA ASN C 56 18.31 -28.11 26.72
C ASN C 56 17.91 -27.58 28.12
N GLY C 57 16.65 -27.14 28.25
CA GLY C 57 16.13 -26.61 29.51
C GLY C 57 16.36 -25.13 29.78
N LYS C 58 16.88 -24.43 28.78
CA LYS C 58 17.23 -23.00 28.90
C LYS C 58 16.83 -22.26 27.62
N ILE C 59 15.96 -21.25 27.72
CA ILE C 59 15.52 -20.45 26.59
C ILE C 59 16.49 -19.27 26.43
N GLN C 60 17.28 -19.29 25.37
CA GLN C 60 18.17 -18.17 25.03
C GLN C 60 17.36 -17.11 24.29
N PHE C 61 17.84 -15.87 24.26
CA PHE C 61 17.16 -14.87 23.48
C PHE C 61 16.91 -15.29 22.01
N PRO C 62 17.91 -15.76 21.26
CA PRO C 62 17.61 -16.14 19.86
C PRO C 62 16.49 -17.17 19.71
N GLU C 63 16.33 -18.08 20.67
CA GLU C 63 15.24 -19.06 20.69
C GLU C 63 13.89 -18.37 20.89
N PHE C 64 13.82 -17.49 21.88
CA PHE C 64 12.63 -16.69 22.16
C PHE C 64 12.28 -15.85 20.93
N LEU C 65 13.29 -15.19 20.36
CA LEU C 65 13.11 -14.33 19.18
C LEU C 65 12.53 -15.08 18.02
N SER C 66 13.11 -16.25 17.71
CA SER C 66 12.61 -17.07 16.61
C SER C 66 11.11 -17.42 16.81
N MET C 67 10.76 -17.79 18.04
CA MET C 67 9.40 -18.22 18.36
C MET C 67 8.41 -17.06 18.24
N MET C 68 8.75 -15.92 18.84
CA MET C 68 7.87 -14.75 18.83
C MET C 68 7.71 -14.24 17.40
N GLY C 69 8.83 -14.19 16.67
CA GLY C 69 8.83 -13.82 15.25
C GLY C 69 7.92 -14.68 14.39
N ARG C 70 7.94 -15.99 14.61
CA ARG C 70 7.11 -16.93 13.86
C ARG C 70 5.63 -16.56 14.02
N ARG C 71 5.22 -16.25 15.23
CA ARG C 71 3.82 -16.00 15.51
C ARG C 71 3.41 -14.55 15.26
N MET C 72 4.36 -13.61 15.32
CA MET C 72 4.03 -12.18 15.32
C MET C 72 4.68 -11.35 14.19
N LYS C 73 5.33 -12.01 13.24
CA LYS C 73 6.17 -11.28 12.27
C LYS C 73 5.39 -10.35 11.36
N GLN C 74 4.13 -10.68 11.08
CA GLN C 74 3.31 -9.84 10.21
C GLN C 74 2.56 -8.74 10.94
N THR C 75 2.65 -8.70 12.28
CA THR C 75 2.11 -7.55 12.99
C THR C 75 2.98 -6.33 12.72
N THR C 76 2.43 -5.15 13.01
CA THR C 76 3.17 -3.90 12.91
C THR C 76 3.08 -3.15 14.24
N SER C 77 3.78 -2.03 14.29
CA SER C 77 3.68 -1.12 15.44
C SER C 77 2.26 -0.54 15.55
N GLU C 78 1.95 0.02 16.73
CA GLU C 78 0.63 0.57 16.97
C GLU C 78 0.34 1.73 16.01
N ASP C 79 1.37 2.55 15.78
CA ASP C 79 1.24 3.73 14.91
C ASP C 79 0.98 3.35 13.46
N ILE C 80 1.58 2.27 13.00
CA ILE C 80 1.40 1.87 11.60
C ILE C 80 -0.02 1.34 11.40
N LEU C 81 -0.52 0.60 12.39
CA LEU C 81 -1.89 0.07 12.33
C LEU C 81 -2.91 1.21 12.44
N ARG C 82 -2.63 2.19 13.30
CA ARG C 82 -3.49 3.36 13.46
C ARG C 82 -3.64 4.12 12.16
N GLN C 83 -2.49 4.44 11.55
CA GLN C 83 -2.42 5.08 10.23
C GLN C 83 -3.15 4.30 9.14
N ALA C 84 -3.11 2.98 9.21
CA ALA C 84 -3.74 2.13 8.21
C ALA C 84 -5.26 2.26 8.32
N PHE C 85 -5.77 2.34 9.53
CA PHE C 85 -7.18 2.62 9.76
C PHE C 85 -7.53 4.05 9.31
N ARG C 86 -6.57 4.98 9.45
CA ARG C 86 -6.77 6.39 9.09
C ARG C 86 -7.00 6.60 7.61
N THR C 87 -6.51 5.66 6.80
CA THR C 87 -6.81 5.67 5.38
C THR C 87 -8.31 5.61 5.15
N PHE C 88 -9.00 4.81 5.98
CA PHE C 88 -10.44 4.61 5.89
C PHE C 88 -11.24 5.47 6.88
N ASP C 89 -10.54 6.38 7.56
CA ASP C 89 -11.15 7.36 8.43
C ASP C 89 -10.23 8.59 8.44
N PRO C 90 -10.27 9.35 7.35
CA PRO C 90 -9.35 10.50 7.16
C PRO C 90 -9.51 11.62 8.20
N GLU C 91 -10.72 11.86 8.66
CA GLU C 91 -10.93 12.71 9.84
C GLU C 91 -10.63 11.86 11.07
N GLY C 92 -10.55 12.48 12.24
CA GLY C 92 -10.17 11.75 13.45
C GLY C 92 -11.33 11.10 14.20
N THR C 93 -12.32 10.60 13.46
CA THR C 93 -13.57 10.14 14.07
C THR C 93 -13.38 8.94 14.98
N GLY C 94 -12.38 8.10 14.66
CA GLY C 94 -12.21 6.82 15.30
C GLY C 94 -13.24 5.80 14.84
N TYR C 95 -14.07 6.15 13.85
CA TYR C 95 -15.10 5.25 13.34
C TYR C 95 -15.00 5.12 11.81
N ILE C 96 -15.26 3.91 11.32
CA ILE C 96 -15.29 3.61 9.88
C ILE C 96 -16.62 2.90 9.61
N PRO C 97 -17.36 3.32 8.59
CA PRO C 97 -18.60 2.61 8.21
C PRO C 97 -18.33 1.16 7.79
N LYS C 98 -19.06 0.21 8.41
CA LYS C 98 -18.75 -1.22 8.28
C LYS C 98 -18.87 -1.73 6.82
N ALA C 99 -19.72 -1.09 6.01
CA ALA C 99 -19.86 -1.45 4.59
C ALA C 99 -18.65 -1.03 3.72
N ALA C 100 -17.99 0.05 4.16
CA ALA C 100 -16.76 0.58 3.54
C ALA C 100 -15.49 -0.25 3.81
N LEU C 101 -15.24 -0.60 5.08
CA LEU C 101 -14.09 -1.45 5.42
C LEU C 101 -14.33 -2.86 4.85
N GLN C 102 -15.59 -3.32 4.91
CA GLN C 102 -15.91 -4.73 4.56
C GLN C 102 -15.50 -4.93 3.13
N ASP C 103 -15.90 -4.02 2.25
CA ASP C 103 -15.50 -4.20 0.86
C ASP C 103 -13.95 -4.09 0.76
N ALA C 104 -13.32 -3.20 1.53
CA ALA C 104 -11.85 -3.07 1.50
C ALA C 104 -11.11 -4.30 2.03
N LEU C 105 -11.44 -4.73 3.24
CA LEU C 105 -10.69 -5.82 3.88
C LEU C 105 -11.00 -7.19 3.26
N LEU C 106 -12.16 -7.31 2.62
CA LEU C 106 -12.58 -8.57 2.01
C LEU C 106 -12.16 -8.68 0.54
N ASN C 107 -11.86 -7.57 -0.11
CA ASN C 107 -11.59 -7.59 -1.55
C ASN C 107 -10.16 -7.22 -1.94
N LEU C 108 -9.51 -6.39 -1.12
CA LEU C 108 -8.17 -5.89 -1.39
C LEU C 108 -7.10 -6.67 -0.65
N GLY C 109 -5.85 -6.48 -1.05
CA GLY C 109 -4.73 -7.04 -0.31
C GLY C 109 -4.81 -8.54 -0.17
N ASP C 110 -4.43 -9.04 1.00
CA ASP C 110 -4.55 -10.46 1.32
C ASP C 110 -5.89 -10.61 2.02
N ARG C 111 -6.92 -10.80 1.20
CA ARG C 111 -8.30 -10.71 1.67
C ARG C 111 -8.61 -11.60 2.88
N LEU C 112 -9.29 -10.98 3.83
CA LEU C 112 -9.78 -11.67 5.01
C LEU C 112 -10.92 -12.59 4.58
N LYS C 113 -11.12 -13.66 5.32
CA LYS C 113 -12.34 -14.48 5.21
C LYS C 113 -13.50 -13.79 5.95
N PRO C 114 -14.75 -13.98 5.52
CA PRO C 114 -15.94 -13.52 6.28
C PRO C 114 -16.00 -13.85 7.81
N HIS C 115 -15.47 -15.04 8.20
CA HIS C 115 -15.29 -15.46 9.61
C HIS C 115 -14.18 -14.70 10.35
N GLU C 116 -13.07 -14.43 9.68
CA GLU C 116 -12.05 -13.57 10.30
C GLU C 116 -12.62 -12.16 10.40
N PHE C 117 -13.36 -11.72 9.37
CA PHE C 117 -13.93 -10.36 9.35
C PHE C 117 -15.08 -10.28 10.37
N ALA C 118 -15.72 -11.44 10.61
CA ALA C 118 -16.76 -11.58 11.63
C ALA C 118 -16.18 -11.57 13.06
N GLU C 119 -15.06 -12.24 13.27
CA GLU C 119 -14.40 -12.18 14.60
C GLU C 119 -13.92 -10.75 14.86
N PHE C 120 -13.42 -10.10 13.83
CA PHE C 120 -12.98 -8.71 13.89
C PHE C 120 -14.14 -7.78 14.27
N LEU C 121 -15.32 -8.06 13.70
CA LEU C 121 -16.52 -7.32 14.03
C LEU C 121 -16.92 -7.60 15.46
N GLY C 122 -16.69 -8.83 15.93
CA GLY C 122 -17.04 -9.24 17.27
C GLY C 122 -16.28 -8.41 18.30
N ILE C 123 -15.18 -7.82 17.87
CA ILE C 123 -14.41 -6.89 18.69
C ILE C 123 -14.89 -5.44 18.56
N THR C 124 -15.09 -4.94 17.33
CA THR C 124 -15.15 -3.48 17.16
C THR C 124 -16.44 -2.84 16.49
N GLU C 125 -17.43 -3.69 16.19
CA GLU C 125 -18.77 -3.23 15.75
C GLU C 125 -19.78 -3.02 16.91
N THR C 126 -19.47 -2.07 17.79
CA THR C 126 -20.27 -1.82 19.00
C THR C 126 -21.72 -1.41 18.71
N GLU C 127 -21.88 -0.55 17.69
CA GLU C 127 -23.20 -0.16 17.18
C GLU C 127 -23.62 -1.17 16.10
N LYS C 128 -24.49 -0.76 15.16
CA LYS C 128 -25.13 -1.70 14.23
C LYS C 128 -24.44 -1.76 12.88
N GLY C 129 -23.92 -0.62 12.42
CA GLY C 129 -23.18 -0.57 11.17
C GLY C 129 -21.91 0.28 11.26
N GLN C 130 -21.29 0.31 12.43
CA GLN C 130 -20.09 1.12 12.63
C GLN C 130 -19.02 0.39 13.44
N ILE C 131 -17.79 0.54 12.96
CA ILE C 131 -16.65 -0.12 13.58
C ILE C 131 -15.76 0.99 14.21
N ARG C 132 -15.46 0.81 15.52
CA ARG C 132 -14.65 1.80 16.25
C ARG C 132 -13.13 1.64 16.06
N TYR C 133 -12.72 0.54 15.45
CA TYR C 133 -11.33 0.05 15.42
C TYR C 133 -10.37 0.22 16.61
N ASP C 134 -10.60 1.18 17.52
CA ASP C 134 -9.76 1.30 18.71
C ASP C 134 -9.98 0.13 19.64
N ASN C 135 -11.17 -0.49 19.58
CA ASN C 135 -11.44 -1.70 20.36
C ASN C 135 -10.50 -2.82 19.94
N PHE C 136 -10.19 -2.91 18.65
CA PHE C 136 -9.21 -3.89 18.16
C PHE C 136 -7.77 -3.53 18.53
N ILE C 137 -7.38 -2.29 18.25
CA ILE C 137 -6.00 -1.85 18.47
C ILE C 137 -5.60 -2.00 19.92
N ASN C 138 -6.46 -1.48 20.80
CA ASN C 138 -6.18 -1.46 22.24
C ASN C 138 -6.09 -2.85 22.83
N THR C 139 -6.61 -3.86 22.13
CA THR C 139 -6.45 -5.25 22.59
C THR C 139 -5.03 -5.77 22.36
N MET C 140 -4.24 -5.03 21.58
CA MET C 140 -2.86 -5.41 21.29
C MET C 140 -1.84 -4.49 21.96
N PHE C 141 -2.21 -3.22 22.17
CA PHE C 141 -1.36 -2.27 22.88
C PHE C 141 -2.17 -1.62 24.01
N THR C 142 -2.32 -2.33 25.13
CA THR C 142 -3.11 -1.84 26.26
C THR C 142 -2.22 -1.00 27.20
CA CA D . -7.39 -11.09 -13.04
CA CA E . 17.66 -23.81 24.63
#